data_9FSJ
#
_entry.id   9FSJ
#
_cell.length_a   41.371
_cell.length_b   91.447
_cell.length_c   111.448
_cell.angle_alpha   90
_cell.angle_beta   90
_cell.angle_gamma   90
#
_symmetry.space_group_name_H-M   'P 21 21 21'
#
loop_
_entity.id
_entity.type
_entity.pdbx_description
1 polymer 'E3 ubiquitin-protein ligase SMURF1'
2 non-polymer 'ethyl 5-[1,3-benzodioxol-5-ylmethyl(ethyl)carbamoyl]-2,4-dimethyl-1~{H}-pyrrole-3-carboxylate'
3 water water
#
_entity_poly.entity_id   1
_entity_poly.type   'polypeptide(L)'
_entity_poly.pdbx_seq_one_letter_code
;GPDLVQKLKVLRHELSLQQPQAGHCRIEVSREEIFEESYRQIMKMRPKDLKKRLMVKFRGEEGLDYGGVAREWLYLLCHE
MLNPYYGLFQYSTDNIYMLQINPDSSINPDHLSYFHFVGRIMGLAVFHGHYINGGFTVPFYKQLLGKPIQLSDLESVDPE
LHKSLVWILENDITPVLDHTFCVEHNAFGRILQHELKPNGRNVPVTEENKKEYVRLYVNWRFMRGIEAQFLALQKGFNEL
IPQHLLKPFDQKELELIIGGLDKIDLNDWKSNTRLKHCVADSNIVRWFWQAVETFDEERRARLLQFVTGSTRVPLQGFKA
LQGSTGAAGPRLFTIHLIDANTDNLPKAHTCFNRIDIPPYESYEKLYEKLLTAVEET
;
_entity_poly.pdbx_strand_id   A
#
# COMPACT_ATOMS: atom_id res chain seq x y z
N GLY A 1 -11.80 -4.91 -18.23
CA GLY A 1 -13.21 -4.97 -17.89
C GLY A 1 -13.72 -6.40 -17.84
N PRO A 2 -14.51 -6.83 -18.87
CA PRO A 2 -14.99 -8.22 -18.89
C PRO A 2 -13.85 -9.24 -19.13
N ASP A 3 -12.79 -8.82 -19.85
CA ASP A 3 -11.63 -9.70 -20.00
C ASP A 3 -10.83 -9.80 -18.69
N LEU A 4 -10.82 -8.72 -17.89
CA LEU A 4 -10.16 -8.71 -16.58
C LEU A 4 -10.93 -9.64 -15.65
N VAL A 5 -12.27 -9.58 -15.67
CA VAL A 5 -13.10 -10.44 -14.83
C VAL A 5 -12.79 -11.92 -15.04
N GLN A 6 -12.72 -12.31 -16.32
CA GLN A 6 -12.40 -13.68 -16.70
C GLN A 6 -10.94 -14.06 -16.40
N LYS A 7 -9.96 -13.13 -16.55
CA LYS A 7 -8.57 -13.42 -16.22
C LYS A 7 -8.43 -13.72 -14.72
N LEU A 8 -9.15 -12.99 -13.88
CA LEU A 8 -9.16 -13.19 -12.42
C LEU A 8 -9.74 -14.56 -12.07
N LYS A 9 -10.79 -14.98 -12.80
CA LYS A 9 -11.39 -16.32 -12.62
C LYS A 9 -10.44 -17.43 -13.05
N VAL A 10 -9.68 -17.25 -14.15
CA VAL A 10 -8.68 -18.24 -14.57
C VAL A 10 -7.59 -18.36 -13.48
N LEU A 11 -7.17 -17.22 -12.94
CA LEU A 11 -6.11 -17.21 -11.94
C LEU A 11 -6.57 -17.93 -10.67
N ARG A 12 -7.74 -17.59 -10.20
CA ARG A 12 -8.32 -18.17 -9.01
C ARG A 12 -8.57 -19.66 -9.20
N HIS A 13 -9.00 -20.07 -10.40
CA HIS A 13 -9.23 -21.49 -10.70
C HIS A 13 -7.90 -22.27 -10.69
N GLU A 14 -6.87 -21.72 -11.34
CA GLU A 14 -5.55 -22.35 -11.33
C GLU A 14 -4.99 -22.51 -9.92
N LEU A 15 -5.14 -21.47 -9.08
CA LEU A 15 -4.65 -21.50 -7.70
C LEU A 15 -5.37 -22.54 -6.86
N SER A 16 -6.70 -22.65 -7.03
CA SER A 16 -7.54 -23.60 -6.31
C SER A 16 -7.13 -25.06 -6.58
N LEU A 17 -6.65 -25.33 -7.81
CA LEU A 17 -6.19 -26.67 -8.21
C LEU A 17 -4.94 -27.11 -7.43
N GLN A 18 -4.13 -26.14 -6.98
CA GLN A 18 -2.94 -26.40 -6.17
C GLN A 18 -3.22 -26.66 -4.68
N GLN A 19 -4.48 -26.55 -4.26
CA GLN A 19 -4.86 -26.79 -2.87
C GLN A 19 -5.30 -28.23 -2.70
N PRO A 20 -4.56 -29.03 -1.91
CA PRO A 20 -4.96 -30.43 -1.70
C PRO A 20 -6.30 -30.51 -0.98
N GLN A 21 -7.16 -31.44 -1.40
CA GLN A 21 -8.48 -31.65 -0.82
C GLN A 21 -8.35 -32.00 0.65
N ALA A 22 -7.36 -32.86 0.99
CA ALA A 22 -7.10 -33.28 2.37
C ALA A 22 -5.77 -32.72 2.88
N GLY A 23 -5.77 -32.29 4.13
CA GLY A 23 -4.58 -31.72 4.76
C GLY A 23 -4.79 -30.31 5.23
N HIS A 24 -3.97 -29.85 6.18
CA HIS A 24 -4.10 -28.50 6.71
C HIS A 24 -2.75 -27.82 6.93
N CYS A 25 -2.75 -26.48 6.90
CA CYS A 25 -1.56 -25.69 7.16
C CYS A 25 -1.75 -25.12 8.56
N ARG A 26 -1.14 -25.76 9.57
CA ARG A 26 -1.32 -25.39 10.97
C ARG A 26 -0.38 -24.30 11.49
N ILE A 27 -0.97 -23.23 12.06
CA ILE A 27 -0.27 -22.11 12.66
C ILE A 27 -0.88 -21.82 14.05
N GLU A 28 -0.05 -21.58 15.07
CA GLU A 28 -0.54 -21.26 16.41
C GLU A 28 0.41 -20.25 17.03
N VAL A 29 0.04 -18.96 16.97
CA VAL A 29 0.91 -17.90 17.47
C VAL A 29 0.18 -16.99 18.46
N SER A 30 0.93 -16.13 19.17
CA SER A 30 0.31 -15.14 20.07
C SER A 30 0.09 -13.83 19.30
N ARG A 31 -0.82 -12.97 19.78
CA ARG A 31 -1.05 -11.68 19.14
C ARG A 31 0.11 -10.69 19.32
N GLU A 32 0.76 -10.69 20.50
CA GLU A 32 1.88 -9.76 20.75
C GLU A 32 3.22 -10.24 20.19
N GLU A 33 3.30 -11.48 19.67
CA GLU A 33 4.53 -11.96 19.04
C GLU A 33 4.23 -12.66 17.69
N ILE A 34 3.18 -12.20 17.00
CA ILE A 34 2.69 -12.79 15.76
C ILE A 34 3.76 -12.80 14.64
N PHE A 35 4.59 -11.75 14.52
CA PHE A 35 5.62 -11.68 13.51
C PHE A 35 6.73 -12.73 13.69
N GLU A 36 7.39 -12.75 14.85
CA GLU A 36 8.47 -13.69 15.08
C GLU A 36 8.01 -15.12 15.12
N GLU A 37 6.87 -15.40 15.77
CA GLU A 37 6.33 -16.75 15.83
C GLU A 37 5.90 -17.23 14.45
N SER A 38 5.18 -16.39 13.67
CA SER A 38 4.78 -16.79 12.31
C SER A 38 6.02 -16.99 11.45
N TYR A 39 7.06 -16.14 11.60
CA TYR A 39 8.31 -16.31 10.87
C TYR A 39 8.90 -17.72 11.02
N ARG A 40 9.03 -18.20 12.27
CA ARG A 40 9.56 -19.53 12.54
C ARG A 40 8.64 -20.65 12.08
N GLN A 41 7.31 -20.50 12.23
CA GLN A 41 6.39 -21.54 11.79
C GLN A 41 6.21 -21.66 10.28
N ILE A 42 6.31 -20.53 9.55
CA ILE A 42 6.14 -20.53 8.09
C ILE A 42 7.41 -20.99 7.39
N MET A 43 8.57 -20.51 7.82
CA MET A 43 9.82 -20.88 7.16
C MET A 43 10.16 -22.39 7.33
N LYS A 44 9.42 -23.12 8.22
CA LYS A 44 9.56 -24.57 8.40
C LYS A 44 8.75 -25.35 7.37
N MET A 45 7.80 -24.73 6.67
CA MET A 45 6.95 -25.45 5.73
C MET A 45 7.43 -25.43 4.29
N ARG A 46 6.99 -26.44 3.54
CA ARG A 46 7.22 -26.57 2.11
C ARG A 46 6.23 -25.62 1.45
N PRO A 47 6.53 -25.10 0.23
CA PRO A 47 5.54 -24.26 -0.47
C PRO A 47 4.19 -24.96 -0.65
N LYS A 48 4.21 -26.28 -0.87
CA LYS A 48 2.98 -27.05 -1.02
C LYS A 48 2.18 -27.18 0.29
N ASP A 49 2.86 -27.09 1.45
CA ASP A 49 2.17 -27.09 2.75
C ASP A 49 1.40 -25.79 2.94
N LEU A 50 1.97 -24.67 2.48
CA LEU A 50 1.32 -23.36 2.55
C LEU A 50 0.04 -23.28 1.68
N LYS A 51 -0.09 -24.16 0.70
CA LYS A 51 -1.25 -24.19 -0.18
C LYS A 51 -2.43 -25.00 0.39
N LYS A 52 -2.27 -25.59 1.57
CA LYS A 52 -3.31 -26.35 2.26
C LYS A 52 -4.28 -25.40 2.98
N ARG A 53 -5.48 -25.90 3.30
CA ARG A 53 -6.51 -25.12 4.02
C ARG A 53 -5.93 -24.62 5.35
N LEU A 54 -6.01 -23.30 5.58
CA LEU A 54 -5.44 -22.72 6.78
C LEU A 54 -6.10 -23.22 8.09
N MET A 55 -5.29 -23.71 9.03
CA MET A 55 -5.79 -24.20 10.33
C MET A 55 -5.06 -23.35 11.37
N VAL A 56 -5.64 -22.20 11.71
CA VAL A 56 -5.01 -21.27 12.63
C VAL A 56 -5.76 -21.16 13.96
N LYS A 57 -5.03 -20.89 15.03
CA LYS A 57 -5.59 -20.72 16.38
C LYS A 57 -4.66 -19.79 17.16
N PHE A 58 -5.22 -18.78 17.83
CA PHE A 58 -4.39 -17.87 18.62
C PHE A 58 -3.99 -18.49 19.97
N ARG A 59 -2.91 -17.95 20.57
CA ARG A 59 -2.25 -18.37 21.81
C ARG A 59 -3.12 -19.26 22.75
N GLY A 60 -4.12 -18.69 23.43
CA GLY A 60 -4.97 -19.44 24.34
C GLY A 60 -6.44 -19.11 24.20
N GLU A 61 -6.92 -19.12 22.95
CA GLU A 61 -8.30 -18.82 22.60
C GLU A 61 -8.88 -19.97 21.79
N GLU A 62 -10.18 -20.29 21.96
CA GLU A 62 -10.79 -21.36 21.16
C GLU A 62 -11.00 -20.93 19.70
N GLY A 63 -11.34 -19.65 19.49
CA GLY A 63 -11.58 -19.11 18.16
C GLY A 63 -12.96 -19.42 17.61
N GLY A 67 -10.84 -21.78 11.57
CA GLY A 67 -11.42 -21.44 10.26
C GLY A 67 -11.49 -19.94 10.04
N GLY A 68 -12.38 -19.28 10.77
CA GLY A 68 -12.52 -17.83 10.73
C GLY A 68 -11.35 -17.10 11.35
N VAL A 69 -10.58 -17.80 12.20
CA VAL A 69 -9.38 -17.24 12.85
C VAL A 69 -8.22 -17.16 11.83
N ALA A 70 -8.19 -18.03 10.81
CA ALA A 70 -7.15 -17.99 9.78
C ALA A 70 -7.21 -16.69 8.96
N ARG A 71 -8.44 -16.17 8.73
CA ARG A 71 -8.65 -14.90 8.02
C ARG A 71 -8.10 -13.74 8.85
N GLU A 72 -8.40 -13.76 10.16
CA GLU A 72 -7.98 -12.73 11.09
C GLU A 72 -6.46 -12.75 11.25
N TRP A 73 -5.87 -13.95 11.43
CA TRP A 73 -4.42 -14.12 11.57
C TRP A 73 -3.67 -13.54 10.36
N LEU A 74 -4.07 -13.92 9.13
CA LEU A 74 -3.38 -13.52 7.90
C LEU A 74 -3.45 -12.02 7.72
N TYR A 75 -4.62 -11.44 7.96
CA TYR A 75 -4.79 -10.01 7.87
C TYR A 75 -3.88 -9.26 8.88
N LEU A 76 -3.88 -9.69 10.15
CA LEU A 76 -3.05 -9.02 11.17
C LEU A 76 -1.54 -9.17 10.86
N LEU A 77 -1.11 -10.35 10.44
CA LEU A 77 0.29 -10.57 10.08
C LEU A 77 0.69 -9.73 8.87
N CYS A 78 -0.23 -9.57 7.89
CA CYS A 78 0.07 -8.77 6.70
C CYS A 78 0.37 -7.32 7.05
N HIS A 79 -0.35 -6.76 8.04
CA HIS A 79 -0.07 -5.37 8.46
C HIS A 79 1.11 -5.30 9.44
N GLU A 80 1.21 -6.24 10.39
CA GLU A 80 2.28 -6.21 11.37
C GLU A 80 3.66 -6.43 10.76
N MET A 81 3.78 -7.25 9.69
CA MET A 81 5.09 -7.46 9.07
C MET A 81 5.65 -6.21 8.36
N LEU A 82 4.80 -5.22 8.07
CA LEU A 82 5.28 -3.99 7.45
C LEU A 82 5.75 -2.92 8.45
N ASN A 83 5.48 -3.11 9.75
CA ASN A 83 5.89 -2.18 10.83
C ASN A 83 7.41 -1.92 10.75
N PRO A 84 7.80 -0.64 10.55
CA PRO A 84 9.23 -0.32 10.38
C PRO A 84 10.17 -0.71 11.51
N TYR A 85 9.64 -1.10 12.68
CA TYR A 85 10.43 -1.58 13.81
C TYR A 85 11.26 -2.81 13.41
N TYR A 86 10.70 -3.68 12.55
CA TYR A 86 11.42 -4.88 12.14
C TYR A 86 12.57 -4.61 11.13
N GLY A 87 12.75 -3.36 10.72
CA GLY A 87 13.84 -2.92 9.85
C GLY A 87 13.81 -3.34 8.39
N LEU A 88 12.68 -3.87 7.94
CA LEU A 88 12.55 -4.33 6.57
C LEU A 88 12.03 -3.21 5.65
N PHE A 89 11.02 -2.47 6.14
CA PHE A 89 10.34 -1.42 5.39
C PHE A 89 10.37 -0.10 6.12
N GLN A 90 10.31 0.98 5.36
CA GLN A 90 10.29 2.34 5.88
C GLN A 90 9.26 3.17 5.11
N TYR A 91 8.77 4.25 5.72
CA TYR A 91 7.84 5.15 5.03
C TYR A 91 8.56 5.96 3.95
N SER A 92 7.84 6.29 2.90
CA SER A 92 8.38 7.05 1.80
C SER A 92 8.48 8.54 2.19
N THR A 93 9.48 9.25 1.64
CA THR A 93 9.63 10.69 1.80
C THR A 93 9.16 11.45 0.52
N ASP A 94 8.43 10.75 -0.37
CA ASP A 94 7.87 11.23 -1.61
C ASP A 94 6.34 11.42 -1.46
N ASN A 95 5.69 10.48 -0.72
CA ASN A 95 4.24 10.46 -0.46
C ASN A 95 3.95 9.91 0.95
N ILE A 96 3.09 10.61 1.73
CA ILE A 96 2.77 10.25 3.11
C ILE A 96 2.00 8.92 3.24
N TYR A 97 2.41 8.14 4.23
CA TYR A 97 1.84 6.85 4.59
C TYR A 97 2.12 5.72 3.55
N MET A 98 2.90 6.01 2.50
CA MET A 98 3.35 4.98 1.54
C MET A 98 4.58 4.25 2.16
N LEU A 99 4.79 3.01 1.77
CA LEU A 99 5.87 2.16 2.23
C LEU A 99 6.81 1.78 1.11
N GLN A 100 8.02 1.43 1.51
CA GLN A 100 9.06 0.99 0.61
C GLN A 100 10.05 0.13 1.35
N ILE A 101 10.82 -0.71 0.64
CA ILE A 101 11.85 -1.53 1.27
C ILE A 101 12.97 -0.59 1.74
N ASN A 102 13.43 -0.78 2.96
CA ASN A 102 14.52 -0.03 3.56
C ASN A 102 15.82 -0.49 2.88
N PRO A 103 16.52 0.41 2.17
CA PRO A 103 17.75 -0.01 1.49
C PRO A 103 18.92 -0.32 2.44
N ASP A 104 18.84 0.16 3.68
CA ASP A 104 19.83 -0.09 4.73
C ASP A 104 19.42 -1.30 5.59
N SER A 105 18.51 -2.18 5.11
CA SER A 105 18.11 -3.38 5.85
C SER A 105 19.27 -4.39 6.04
N SER A 106 20.37 -4.22 5.26
CA SER A 106 21.59 -5.03 5.31
C SER A 106 22.21 -5.07 6.72
N ILE A 107 21.82 -4.12 7.63
CA ILE A 107 22.23 -4.03 9.04
C ILE A 107 21.97 -5.38 9.72
N ASN A 108 20.74 -5.90 9.58
CA ASN A 108 20.42 -7.20 10.10
C ASN A 108 20.97 -8.15 9.03
N PRO A 109 21.97 -8.98 9.38
CA PRO A 109 22.56 -9.88 8.37
C PRO A 109 21.63 -11.01 7.93
N ASP A 110 20.51 -11.23 8.64
CA ASP A 110 19.54 -12.26 8.22
C ASP A 110 18.32 -11.64 7.50
N HIS A 111 18.47 -10.40 6.98
CA HIS A 111 17.39 -9.68 6.36
C HIS A 111 16.78 -10.43 5.19
N LEU A 112 17.61 -11.06 4.35
CA LEU A 112 17.11 -11.78 3.19
C LEU A 112 16.15 -12.93 3.50
N SER A 113 16.32 -13.62 4.62
CA SER A 113 15.39 -14.69 5.01
C SER A 113 14.04 -14.08 5.48
N TYR A 114 14.08 -12.87 6.07
CA TYR A 114 12.88 -12.16 6.49
C TYR A 114 12.13 -11.63 5.25
N PHE A 115 12.85 -11.16 4.22
CA PHE A 115 12.18 -10.67 3.00
C PHE A 115 11.53 -11.86 2.28
N HIS A 116 12.20 -13.04 2.27
CA HIS A 116 11.65 -14.27 1.71
C HIS A 116 10.33 -14.63 2.43
N PHE A 117 10.32 -14.53 3.76
CA PHE A 117 9.14 -14.75 4.60
C PHE A 117 8.01 -13.75 4.27
N VAL A 118 8.32 -12.45 4.17
CA VAL A 118 7.32 -11.44 3.81
C VAL A 118 6.70 -11.76 2.42
N GLY A 119 7.55 -12.21 1.47
CA GLY A 119 7.05 -12.60 0.16
C GLY A 119 6.06 -13.76 0.25
N ARG A 120 6.35 -14.76 1.10
CA ARG A 120 5.47 -15.91 1.30
C ARG A 120 4.11 -15.49 1.85
N ILE A 121 4.11 -14.54 2.82
CA ILE A 121 2.87 -14.07 3.40
C ILE A 121 2.05 -13.25 2.37
N MET A 122 2.73 -12.41 1.58
CA MET A 122 2.05 -11.64 0.51
C MET A 122 1.43 -12.61 -0.51
N GLY A 123 2.13 -13.70 -0.83
CA GLY A 123 1.66 -14.75 -1.73
C GLY A 123 0.50 -15.53 -1.16
N LEU A 124 0.55 -15.78 0.15
CA LEU A 124 -0.53 -16.48 0.85
C LEU A 124 -1.80 -15.62 0.87
N ALA A 125 -1.66 -14.29 1.03
CA ALA A 125 -2.83 -13.38 0.98
C ALA A 125 -3.52 -13.46 -0.39
N VAL A 126 -2.75 -13.41 -1.50
CA VAL A 126 -3.33 -13.54 -2.84
C VAL A 126 -4.00 -14.93 -2.97
N PHE A 127 -3.28 -15.99 -2.52
CA PHE A 127 -3.76 -17.38 -2.57
C PHE A 127 -5.12 -17.58 -1.92
N HIS A 128 -5.35 -16.94 -0.78
CA HIS A 128 -6.62 -17.05 -0.06
C HIS A 128 -7.62 -15.93 -0.32
N GLY A 129 -7.31 -15.05 -1.25
CA GLY A 129 -8.23 -13.99 -1.64
C GLY A 129 -8.35 -12.79 -0.72
N HIS A 130 -7.27 -12.39 -0.02
CA HIS A 130 -7.28 -11.19 0.81
C HIS A 130 -6.74 -10.03 0.01
N TYR A 131 -7.29 -8.86 0.21
CA TYR A 131 -6.76 -7.64 -0.41
C TYR A 131 -6.24 -6.79 0.71
N ILE A 132 -4.91 -6.64 0.79
CA ILE A 132 -4.23 -5.89 1.83
C ILE A 132 -3.73 -4.54 1.28
N ASN A 133 -4.09 -3.47 1.98
CA ASN A 133 -3.64 -2.14 1.59
C ASN A 133 -2.24 -1.97 2.21
N GLY A 134 -1.23 -2.62 1.60
CA GLY A 134 0.15 -2.55 2.06
C GLY A 134 0.76 -1.17 1.97
N GLY A 135 0.22 -0.31 1.11
CA GLY A 135 0.75 1.04 0.94
C GLY A 135 2.04 1.14 0.13
N PHE A 136 2.38 0.11 -0.66
CA PHE A 136 3.54 0.17 -1.53
C PHE A 136 3.24 1.01 -2.77
N THR A 137 4.28 1.46 -3.53
CA THR A 137 4.03 2.25 -4.75
C THR A 137 3.54 1.35 -5.88
N VAL A 138 2.96 1.96 -6.92
CA VAL A 138 2.55 1.22 -8.13
C VAL A 138 3.77 0.48 -8.79
N PRO A 139 4.98 1.10 -8.87
CA PRO A 139 6.14 0.41 -9.42
C PRO A 139 6.50 -0.84 -8.64
N PHE A 140 6.44 -0.81 -7.28
CA PHE A 140 6.76 -1.97 -6.46
C PHE A 140 5.81 -3.11 -6.80
N TYR A 141 4.51 -2.83 -6.83
CA TYR A 141 3.51 -3.85 -7.09
C TYR A 141 3.57 -4.40 -8.52
N LYS A 142 3.87 -3.55 -9.52
CA LYS A 142 4.02 -4.00 -10.91
C LYS A 142 5.19 -4.93 -11.02
N GLN A 143 6.33 -4.57 -10.44
CA GLN A 143 7.52 -5.41 -10.44
C GLN A 143 7.25 -6.74 -9.73
N LEU A 144 6.58 -6.69 -8.57
CA LEU A 144 6.23 -7.93 -7.85
C LEU A 144 5.32 -8.84 -8.72
N LEU A 145 4.42 -8.25 -9.50
CA LEU A 145 3.50 -9.00 -10.34
C LEU A 145 4.07 -9.35 -11.77
N GLY A 146 5.38 -9.16 -11.94
CA GLY A 146 6.14 -9.54 -13.12
C GLY A 146 6.13 -8.60 -14.31
N LYS A 147 5.82 -7.32 -14.10
CA LYS A 147 5.79 -6.37 -15.20
C LYS A 147 6.80 -5.21 -15.03
N PRO A 148 7.24 -4.57 -16.13
CA PRO A 148 8.14 -3.43 -15.98
C PRO A 148 7.40 -2.20 -15.45
N ILE A 149 8.15 -1.34 -14.80
CA ILE A 149 7.65 -0.04 -14.37
C ILE A 149 7.51 0.86 -15.64
N GLN A 150 6.46 1.69 -15.72
CA GLN A 150 6.34 2.62 -16.85
C GLN A 150 6.81 4.00 -16.40
N LEU A 151 7.27 4.86 -17.35
CA LEU A 151 7.69 6.23 -17.02
C LEU A 151 6.53 6.99 -16.34
N SER A 152 5.30 6.76 -16.81
CA SER A 152 4.11 7.38 -16.21
C SER A 152 3.94 7.09 -14.71
N ASP A 153 4.37 5.90 -14.26
CA ASP A 153 4.33 5.52 -12.85
C ASP A 153 5.28 6.35 -11.96
N LEU A 154 6.26 7.03 -12.57
CA LEU A 154 7.19 7.84 -11.81
C LEU A 154 6.55 9.20 -11.42
N GLU A 155 5.67 9.77 -12.27
CA GLU A 155 5.08 11.10 -12.06
C GLU A 155 4.61 11.37 -10.64
N SER A 156 3.88 10.44 -10.02
CA SER A 156 3.36 10.62 -8.67
C SER A 156 4.42 10.48 -7.59
N VAL A 157 5.45 9.66 -7.82
CA VAL A 157 6.48 9.43 -6.81
C VAL A 157 7.53 10.56 -6.86
N ASP A 158 8.06 10.83 -8.05
CA ASP A 158 9.10 11.83 -8.24
C ASP A 158 8.76 12.70 -9.43
N PRO A 159 7.90 13.72 -9.22
CA PRO A 159 7.50 14.55 -10.37
C PRO A 159 8.63 15.31 -11.03
N GLU A 160 9.67 15.71 -10.27
CA GLU A 160 10.79 16.44 -10.89
C GLU A 160 11.67 15.52 -11.76
N LEU A 161 11.98 14.30 -11.29
CA LEU A 161 12.74 13.35 -12.11
C LEU A 161 11.93 12.95 -13.33
N HIS A 162 10.61 12.73 -13.15
CA HIS A 162 9.69 12.40 -14.23
C HIS A 162 9.74 13.50 -15.31
N LYS A 163 9.62 14.77 -14.89
CA LYS A 163 9.66 15.90 -15.82
C LYS A 163 10.97 15.94 -16.62
N SER A 164 12.09 15.67 -15.96
CA SER A 164 13.40 15.70 -16.64
C SER A 164 13.60 14.50 -17.58
N LEU A 165 13.08 13.31 -17.20
CA LEU A 165 13.19 12.13 -18.08
C LEU A 165 12.25 12.31 -19.28
N VAL A 166 11.06 12.88 -19.07
CA VAL A 166 10.13 13.22 -20.14
C VAL A 166 10.77 14.23 -21.09
N TRP A 167 11.47 15.24 -20.52
CA TRP A 167 12.20 16.23 -21.34
C TRP A 167 13.20 15.55 -22.26
N ILE A 168 13.99 14.61 -21.71
CA ILE A 168 14.95 13.84 -22.51
C ILE A 168 14.30 13.14 -23.71
N LEU A 169 13.18 12.45 -23.47
CA LEU A 169 12.51 11.71 -24.53
C LEU A 169 11.87 12.61 -25.60
N GLU A 170 11.40 13.79 -25.21
CA GLU A 170 10.67 14.68 -26.13
C GLU A 170 11.52 15.74 -26.85
N ASN A 171 12.79 15.90 -26.48
CA ASN A 171 13.62 16.95 -27.07
C ASN A 171 14.95 16.43 -27.61
N ASP A 172 15.62 17.23 -28.46
CA ASP A 172 16.95 16.87 -28.93
C ASP A 172 17.88 17.29 -27.79
N ILE A 173 18.50 16.31 -27.14
CA ILE A 173 19.37 16.54 -26.00
C ILE A 173 20.76 17.01 -26.34
N THR A 174 21.23 16.74 -27.58
CA THR A 174 22.58 17.02 -28.07
C THR A 174 23.17 18.37 -27.65
N PRO A 175 22.51 19.53 -27.89
CA PRO A 175 23.14 20.80 -27.47
C PRO A 175 22.96 21.21 -26.01
N VAL A 176 22.25 20.40 -25.20
CA VAL A 176 21.91 20.84 -23.84
C VAL A 176 22.40 19.91 -22.71
N LEU A 177 22.31 18.58 -22.87
CA LEU A 177 22.67 17.68 -21.78
C LEU A 177 23.92 16.87 -22.01
N ASP A 178 24.71 16.68 -20.95
CA ASP A 178 25.92 15.89 -21.00
C ASP A 178 25.93 14.83 -19.90
N HIS A 179 25.09 13.80 -20.06
CA HIS A 179 24.98 12.71 -19.11
C HIS A 179 25.73 11.48 -19.62
N THR A 180 26.02 10.53 -18.72
CA THR A 180 26.56 9.21 -19.05
C THR A 180 25.63 8.16 -18.38
N PHE A 181 25.82 6.85 -18.66
CA PHE A 181 25.04 5.77 -18.05
C PHE A 181 25.50 5.44 -16.65
N CYS A 182 25.73 6.46 -15.85
CA CYS A 182 26.12 6.35 -14.45
C CYS A 182 25.23 7.31 -13.66
N VAL A 183 24.70 6.85 -12.54
CA VAL A 183 23.81 7.66 -11.71
C VAL A 183 24.29 7.68 -10.28
N GLU A 184 23.93 8.71 -9.51
CA GLU A 184 24.34 8.82 -8.12
C GLU A 184 23.16 8.88 -7.17
N HIS A 185 23.39 8.46 -5.92
CA HIS A 185 22.46 8.50 -4.78
C HIS A 185 23.27 8.18 -3.48
N ASN A 186 22.70 8.55 -2.30
CA ASN A 186 23.39 8.26 -1.04
C ASN A 186 23.15 6.84 -0.55
N GLY A 189 25.35 7.81 3.99
CA GLY A 189 26.06 9.08 3.97
C GLY A 189 27.01 9.21 2.79
N ARG A 190 27.68 8.09 2.44
CA ARG A 190 28.63 8.04 1.32
C ARG A 190 27.87 8.19 -0.01
N ILE A 191 28.49 8.89 -0.99
CA ILE A 191 27.87 9.00 -2.31
C ILE A 191 28.15 7.72 -3.08
N LEU A 192 27.10 7.10 -3.58
CA LEU A 192 27.23 5.85 -4.32
C LEU A 192 26.96 6.07 -5.80
N GLN A 193 27.83 5.53 -6.63
CA GLN A 193 27.67 5.59 -8.07
C GLN A 193 27.19 4.24 -8.57
N HIS A 194 26.29 4.28 -9.53
CA HIS A 194 25.73 3.08 -10.10
C HIS A 194 25.79 3.18 -11.59
N GLU A 195 26.41 2.22 -12.23
CA GLU A 195 26.43 2.18 -13.68
C GLU A 195 25.13 1.46 -14.12
N LEU A 196 24.32 2.15 -14.93
CA LEU A 196 23.06 1.61 -15.38
C LEU A 196 23.24 0.38 -16.24
N LYS A 197 24.29 0.37 -17.07
CA LYS A 197 24.67 -0.77 -17.91
C LYS A 197 26.22 -0.96 -17.82
N PRO A 198 26.80 -2.12 -18.26
CA PRO A 198 28.26 -2.30 -18.08
C PRO A 198 29.06 -1.21 -18.78
N ASN A 199 30.12 -0.73 -18.10
CA ASN A 199 30.97 0.35 -18.61
C ASN A 199 30.21 1.70 -18.78
N GLY A 200 29.05 1.85 -18.13
CA GLY A 200 28.19 3.04 -18.19
C GLY A 200 28.85 4.39 -17.97
N ARG A 201 29.83 4.45 -17.04
CA ARG A 201 30.63 5.65 -16.79
C ARG A 201 31.27 6.19 -18.07
N ASN A 202 31.62 5.29 -18.99
CA ASN A 202 32.27 5.66 -20.24
C ASN A 202 31.33 5.73 -21.45
N VAL A 203 30.01 5.61 -21.22
CA VAL A 203 29.02 5.66 -22.28
C VAL A 203 28.19 6.93 -22.17
N PRO A 204 28.50 7.95 -23.00
CA PRO A 204 27.73 9.19 -22.95
C PRO A 204 26.31 8.99 -23.50
N VAL A 205 25.33 9.69 -22.92
CA VAL A 205 23.94 9.60 -23.37
C VAL A 205 23.79 10.51 -24.59
N THR A 206 23.29 9.95 -25.67
CA THR A 206 23.08 10.59 -26.96
C THR A 206 21.61 10.35 -27.43
N GLU A 207 21.21 10.93 -28.57
CA GLU A 207 19.91 10.68 -29.15
C GLU A 207 19.73 9.19 -29.49
N GLU A 208 20.82 8.52 -29.88
CA GLU A 208 20.83 7.12 -30.28
C GLU A 208 20.58 6.13 -29.14
N ASN A 209 20.90 6.50 -27.89
CA ASN A 209 20.71 5.57 -26.77
C ASN A 209 19.89 6.13 -25.61
N LYS A 210 19.34 7.36 -25.74
CA LYS A 210 18.59 7.96 -24.61
C LYS A 210 17.32 7.18 -24.19
N LYS A 211 16.70 6.41 -25.11
CA LYS A 211 15.49 5.63 -24.71
C LYS A 211 15.88 4.54 -23.69
N GLU A 212 17.00 3.89 -23.94
CA GLU A 212 17.54 2.87 -23.05
C GLU A 212 17.94 3.51 -21.71
N TYR A 213 18.54 4.71 -21.76
CA TYR A 213 18.93 5.47 -20.58
C TYR A 213 17.73 5.71 -19.67
N VAL A 214 16.65 6.29 -20.22
CA VAL A 214 15.46 6.60 -19.45
C VAL A 214 14.81 5.33 -18.92
N ARG A 215 14.74 4.28 -19.72
CA ARG A 215 14.17 2.99 -19.27
C ARG A 215 14.96 2.42 -18.07
N LEU A 216 16.31 2.45 -18.16
CA LEU A 216 17.14 1.96 -17.07
C LEU A 216 17.02 2.84 -15.82
N TYR A 217 17.00 4.20 -16.01
CA TYR A 217 16.89 5.15 -14.91
C TYR A 217 15.52 4.93 -14.18
N VAL A 218 14.43 4.70 -14.94
CA VAL A 218 13.10 4.47 -14.33
C VAL A 218 13.15 3.28 -13.33
N ASN A 219 13.72 2.16 -13.77
CA ASN A 219 13.83 0.98 -12.91
C ASN A 219 14.72 1.23 -11.70
N TRP A 220 15.87 1.86 -11.92
CA TRP A 220 16.80 2.15 -10.83
C TRP A 220 16.20 3.05 -9.79
N ARG A 221 15.37 4.01 -10.20
CA ARG A 221 14.75 4.93 -9.25
C ARG A 221 13.91 4.20 -8.17
N PHE A 222 13.39 3.02 -8.50
CA PHE A 222 12.62 2.24 -7.53
C PHE A 222 13.46 1.13 -6.92
N MET A 223 14.35 0.48 -7.68
CA MET A 223 15.14 -0.68 -7.28
C MET A 223 16.43 -0.35 -6.51
N ARG A 224 16.87 0.91 -6.56
CA ARG A 224 18.04 1.54 -5.89
C ARG A 224 18.34 0.94 -4.51
N GLY A 225 19.42 0.17 -4.38
CA GLY A 225 19.81 -0.39 -3.08
C GLY A 225 18.91 -1.44 -2.44
N ILE A 226 17.83 -1.83 -3.14
CA ILE A 226 16.92 -2.85 -2.58
C ILE A 226 16.83 -4.08 -3.47
N GLU A 227 17.73 -4.25 -4.45
CA GLU A 227 17.63 -5.34 -5.40
C GLU A 227 17.70 -6.75 -4.77
N ALA A 228 18.59 -7.01 -3.78
CA ALA A 228 18.66 -8.35 -3.17
C ALA A 228 17.41 -8.62 -2.30
N GLN A 229 16.99 -7.60 -1.56
CA GLN A 229 15.82 -7.67 -0.72
C GLN A 229 14.55 -7.99 -1.58
N PHE A 230 14.39 -7.27 -2.72
CA PHE A 230 13.24 -7.42 -3.61
C PHE A 230 13.24 -8.81 -4.22
N LEU A 231 14.41 -9.28 -4.67
CA LEU A 231 14.53 -10.63 -5.21
C LEU A 231 14.08 -11.74 -4.23
N ALA A 232 14.50 -11.65 -2.95
CA ALA A 232 14.10 -12.64 -1.95
C ALA A 232 12.61 -12.56 -1.69
N LEU A 233 12.05 -11.32 -1.68
CA LEU A 233 10.61 -11.14 -1.44
C LEU A 233 9.83 -11.79 -2.57
N GLN A 234 10.23 -11.47 -3.82
CA GLN A 234 9.57 -12.04 -5.00
C GLN A 234 9.72 -13.56 -5.03
N LYS A 235 10.84 -14.09 -4.55
CA LYS A 235 11.05 -15.54 -4.47
C LYS A 235 10.00 -16.20 -3.58
N GLY A 236 9.73 -15.60 -2.41
CA GLY A 236 8.71 -16.13 -1.52
C GLY A 236 7.32 -16.03 -2.13
N PHE A 237 7.07 -14.91 -2.81
CA PHE A 237 5.79 -14.65 -3.42
C PHE A 237 5.50 -15.65 -4.50
N ASN A 238 6.48 -15.95 -5.34
CA ASN A 238 6.30 -16.89 -6.45
C ASN A 238 6.22 -18.36 -6.01
N GLU A 239 6.67 -18.70 -4.78
CA GLU A 239 6.45 -20.05 -4.27
C GLU A 239 4.91 -20.29 -4.10
N LEU A 240 4.12 -19.20 -3.89
CA LEU A 240 2.69 -19.33 -3.77
C LEU A 240 1.97 -18.95 -5.05
N ILE A 241 2.40 -17.85 -5.71
CA ILE A 241 1.79 -17.32 -6.92
C ILE A 241 2.81 -17.39 -8.05
N PRO A 242 2.88 -18.54 -8.76
CA PRO A 242 3.87 -18.67 -9.84
C PRO A 242 3.74 -17.58 -10.91
N GLN A 243 4.88 -17.03 -11.37
CA GLN A 243 4.94 -15.95 -12.33
C GLN A 243 4.15 -16.20 -13.60
N HIS A 244 4.09 -17.46 -14.10
CA HIS A 244 3.36 -17.74 -15.33
C HIS A 244 1.85 -17.52 -15.20
N LEU A 245 1.30 -17.66 -14.00
CA LEU A 245 -0.13 -17.39 -13.79
C LEU A 245 -0.47 -15.88 -13.84
N LEU A 246 0.54 -15.02 -13.67
CA LEU A 246 0.34 -13.57 -13.72
C LEU A 246 0.64 -12.95 -15.07
N LYS A 247 1.22 -13.71 -15.98
CA LYS A 247 1.55 -13.27 -17.32
C LYS A 247 0.34 -12.64 -18.09
N PRO A 248 -0.92 -13.17 -18.04
CA PRO A 248 -2.00 -12.56 -18.83
C PRO A 248 -2.42 -11.14 -18.52
N PHE A 249 -2.18 -10.65 -17.30
CA PHE A 249 -2.60 -9.31 -16.93
C PHE A 249 -1.75 -8.25 -17.59
N ASP A 250 -2.38 -7.25 -18.20
CA ASP A 250 -1.63 -6.18 -18.87
C ASP A 250 -1.44 -4.99 -17.94
N GLN A 251 -0.62 -4.03 -18.36
CA GLN A 251 -0.30 -2.83 -17.60
C GLN A 251 -1.54 -2.12 -17.05
N LYS A 252 -2.56 -1.93 -17.91
CA LYS A 252 -3.83 -1.30 -17.54
C LYS A 252 -4.61 -2.10 -16.47
N GLU A 253 -4.70 -3.43 -16.64
CA GLU A 253 -5.40 -4.30 -15.67
C GLU A 253 -4.66 -4.29 -14.33
N LEU A 254 -3.32 -4.27 -14.35
CA LEU A 254 -2.53 -4.20 -13.12
C LEU A 254 -2.78 -2.90 -12.41
N GLU A 255 -2.90 -1.78 -13.15
CA GLU A 255 -3.23 -0.49 -12.53
C GLU A 255 -4.59 -0.47 -11.82
N LEU A 256 -5.61 -1.13 -12.41
CA LEU A 256 -6.95 -1.25 -11.85
C LEU A 256 -6.92 -2.11 -10.58
N ILE A 257 -6.22 -3.25 -10.62
CA ILE A 257 -6.07 -4.15 -9.46
C ILE A 257 -5.34 -3.43 -8.33
N ILE A 258 -4.23 -2.73 -8.67
CA ILE A 258 -3.45 -2.02 -7.67
C ILE A 258 -4.25 -0.84 -7.03
N GLY A 259 -5.00 -0.08 -7.82
CA GLY A 259 -5.84 1.01 -7.30
C GLY A 259 -6.93 0.51 -6.35
N GLY A 260 -7.45 -0.68 -6.62
CA GLY A 260 -8.46 -1.30 -5.76
C GLY A 260 -7.93 -1.61 -4.36
N LEU A 261 -6.61 -1.86 -4.21
CA LEU A 261 -5.94 -2.14 -2.93
C LEU A 261 -6.06 -0.94 -1.94
N ASP A 262 -6.10 0.29 -2.47
CA ASP A 262 -6.22 1.52 -1.72
C ASP A 262 -7.56 1.80 -1.09
N LYS A 263 -8.55 0.93 -1.23
CA LYS A 263 -9.88 1.16 -0.67
C LYS A 263 -9.82 1.55 0.80
N ILE A 264 -10.40 2.70 1.14
CA ILE A 264 -10.43 3.16 2.52
C ILE A 264 -11.30 2.21 3.33
N ASP A 265 -10.79 1.75 4.49
CA ASP A 265 -11.53 0.85 5.37
C ASP A 265 -12.53 1.66 6.23
N LEU A 266 -13.82 1.61 5.86
CA LEU A 266 -14.89 2.34 6.53
C LEU A 266 -15.16 1.83 7.92
N ASN A 267 -14.94 0.52 8.16
CA ASN A 267 -15.12 -0.11 9.45
C ASN A 267 -14.10 0.47 10.42
N ASP A 268 -12.82 0.46 10.01
CA ASP A 268 -11.71 0.97 10.80
C ASP A 268 -11.86 2.49 11.02
N TRP A 269 -12.38 3.21 10.01
CA TRP A 269 -12.61 4.65 10.15
C TRP A 269 -13.67 4.89 11.25
N LYS A 270 -14.85 4.23 11.15
CA LYS A 270 -15.91 4.49 12.09
C LYS A 270 -15.59 3.98 13.51
N SER A 271 -14.89 2.83 13.64
CA SER A 271 -14.47 2.31 14.94
C SER A 271 -13.49 3.21 15.67
N ASN A 272 -12.71 4.01 14.92
CA ASN A 272 -11.69 4.86 15.50
C ASN A 272 -11.99 6.35 15.40
N THR A 273 -13.28 6.69 15.37
CA THR A 273 -13.74 8.06 15.33
C THR A 273 -14.18 8.48 16.73
N ARG A 274 -13.64 9.60 17.22
CA ARG A 274 -14.04 10.19 18.50
C ARG A 274 -15.29 11.07 18.24
N LEU A 275 -16.26 11.04 19.16
CA LEU A 275 -17.46 11.86 19.00
C LEU A 275 -17.47 12.99 20.01
N LYS A 276 -17.66 14.24 19.56
CA LYS A 276 -17.68 15.38 20.48
C LYS A 276 -19.07 16.01 20.52
N HIS A 277 -19.69 15.97 21.71
CA HIS A 277 -21.04 16.48 22.01
C HIS A 277 -22.11 15.78 21.18
N CYS A 278 -21.94 14.47 20.95
CA CYS A 278 -22.87 13.63 20.20
C CYS A 278 -22.66 12.15 20.50
N VAL A 279 -23.67 11.32 20.25
CA VAL A 279 -23.57 9.89 20.52
C VAL A 279 -23.61 9.08 19.22
N ALA A 280 -23.22 7.79 19.29
CA ALA A 280 -23.18 6.93 18.13
C ALA A 280 -24.54 6.69 17.46
N ASP A 281 -25.64 6.92 18.19
CA ASP A 281 -27.00 6.69 17.65
C ASP A 281 -27.73 7.98 17.23
N SER A 282 -27.18 9.17 17.57
CA SER A 282 -27.76 10.46 17.20
C SER A 282 -27.85 10.60 15.69
N ASN A 283 -28.90 11.28 15.20
CA ASN A 283 -29.19 11.48 13.78
C ASN A 283 -28.05 12.05 12.94
N ILE A 284 -27.31 13.02 13.48
CA ILE A 284 -26.20 13.65 12.76
C ILE A 284 -25.07 12.64 12.42
N VAL A 285 -24.71 11.76 13.37
CA VAL A 285 -23.67 10.76 13.21
C VAL A 285 -24.08 9.66 12.21
N ARG A 286 -25.33 9.15 12.31
CA ARG A 286 -25.83 8.13 11.38
C ARG A 286 -25.91 8.69 9.96
N TRP A 287 -26.30 9.96 9.83
CA TRP A 287 -26.42 10.58 8.51
C TRP A 287 -25.05 10.82 7.89
N PHE A 288 -24.04 11.14 8.71
CA PHE A 288 -22.67 11.34 8.21
C PHE A 288 -22.16 10.01 7.65
N TRP A 289 -22.22 8.92 8.46
CA TRP A 289 -21.78 7.61 7.99
C TRP A 289 -22.62 7.08 6.82
N GLN A 290 -23.89 7.51 6.72
CA GLN A 290 -24.78 7.18 5.60
C GLN A 290 -24.28 7.84 4.33
N ALA A 291 -23.96 9.15 4.41
CA ALA A 291 -23.44 9.91 3.28
C ALA A 291 -22.10 9.37 2.83
N VAL A 292 -21.23 8.97 3.79
CA VAL A 292 -19.91 8.38 3.45
C VAL A 292 -20.11 7.10 2.62
N GLU A 293 -21.04 6.24 3.04
CA GLU A 293 -21.38 4.99 2.34
C GLU A 293 -21.89 5.25 0.92
N THR A 294 -22.57 6.36 0.72
CA THR A 294 -23.12 6.78 -0.58
C THR A 294 -22.00 7.24 -1.51
N PHE A 295 -20.99 7.95 -0.96
CA PHE A 295 -19.86 8.45 -1.73
C PHE A 295 -19.06 7.33 -2.41
N ASP A 296 -18.60 7.59 -3.64
CA ASP A 296 -17.71 6.65 -4.32
C ASP A 296 -16.31 6.75 -3.66
N GLU A 297 -15.36 5.87 -4.05
CA GLU A 297 -14.03 5.90 -3.46
C GLU A 297 -13.34 7.26 -3.52
N GLU A 298 -13.38 7.92 -4.68
CA GLU A 298 -12.75 9.22 -4.84
C GLU A 298 -13.37 10.28 -3.93
N ARG A 299 -14.67 10.15 -3.60
CA ARG A 299 -15.33 11.09 -2.70
C ARG A 299 -15.05 10.79 -1.22
N ARG A 300 -14.83 9.51 -0.89
CA ARG A 300 -14.42 9.06 0.44
C ARG A 300 -13.00 9.60 0.67
N ALA A 301 -12.09 9.44 -0.33
CA ALA A 301 -10.73 9.97 -0.23
C ALA A 301 -10.72 11.49 -0.05
N ARG A 302 -11.56 12.20 -0.81
CA ARG A 302 -11.70 13.66 -0.67
C ARG A 302 -12.24 14.09 0.66
N LEU A 303 -13.12 13.29 1.27
CA LEU A 303 -13.63 13.61 2.60
C LEU A 303 -12.49 13.41 3.61
N LEU A 304 -11.74 12.31 3.51
CA LEU A 304 -10.62 12.04 4.41
C LEU A 304 -9.58 13.18 4.28
N GLN A 305 -9.32 13.65 3.04
CA GLN A 305 -8.39 14.76 2.81
C GLN A 305 -8.94 16.10 3.31
N PHE A 306 -10.24 16.30 3.20
CA PHE A 306 -10.87 17.51 3.70
C PHE A 306 -10.65 17.66 5.22
N VAL A 307 -10.79 16.56 5.96
CA VAL A 307 -10.65 16.61 7.41
C VAL A 307 -9.21 16.46 7.92
N THR A 308 -8.42 15.61 7.27
CA THR A 308 -7.08 15.26 7.75
C THR A 308 -5.92 15.87 6.93
N GLY A 309 -6.20 16.33 5.71
CA GLY A 309 -5.18 16.88 4.80
C GLY A 309 -4.52 15.84 3.92
N SER A 310 -4.84 14.55 4.14
CA SER A 310 -4.26 13.46 3.39
C SER A 310 -5.35 12.52 2.89
N THR A 311 -5.12 11.86 1.76
CA THR A 311 -6.05 10.90 1.20
C THR A 311 -5.83 9.47 1.74
N ARG A 312 -4.82 9.26 2.60
CA ARG A 312 -4.51 7.95 3.19
C ARG A 312 -4.40 8.06 4.73
N VAL A 313 -4.37 6.91 5.43
CA VAL A 313 -4.11 6.85 6.87
C VAL A 313 -2.91 5.95 7.10
N PRO A 314 -2.18 6.05 8.23
CA PRO A 314 -1.03 5.14 8.44
C PRO A 314 -1.36 3.66 8.20
N LEU A 315 -0.35 2.79 8.15
CA LEU A 315 -0.61 1.36 7.92
C LEU A 315 -1.36 0.74 9.07
N GLN A 316 -1.13 1.21 10.31
CA GLN A 316 -1.89 0.71 11.46
C GLN A 316 -3.39 1.08 11.41
N GLY A 317 -3.75 2.05 10.58
CA GLY A 317 -5.14 2.45 10.42
C GLY A 317 -5.47 3.75 11.12
N PHE A 318 -6.76 4.00 11.25
CA PHE A 318 -7.29 5.21 11.86
C PHE A 318 -6.94 5.39 13.34
N LYS A 319 -6.51 4.31 14.01
CA LYS A 319 -6.05 4.43 15.40
C LYS A 319 -4.70 5.16 15.49
N ALA A 320 -3.90 5.16 14.41
CA ALA A 320 -2.60 5.82 14.42
C ALA A 320 -2.63 7.22 13.80
N LEU A 321 -3.82 7.78 13.54
CA LEU A 321 -3.96 9.11 12.97
C LEU A 321 -3.23 10.16 13.80
N GLN A 322 -2.37 10.97 13.15
CA GLN A 322 -1.59 11.98 13.84
C GLN A 322 -2.19 13.33 13.70
N GLY A 323 -2.02 14.13 14.72
CA GLY A 323 -2.34 15.54 14.71
C GLY A 323 -1.08 16.35 14.47
N SER A 324 -1.22 17.66 14.29
CA SER A 324 -0.11 18.58 14.02
C SER A 324 0.68 19.05 15.23
N THR A 325 -0.05 19.38 16.29
CA THR A 325 0.50 20.01 17.47
C THR A 325 0.06 19.28 18.75
N GLY A 326 0.68 19.64 19.87
CA GLY A 326 0.30 19.11 21.17
C GLY A 326 1.13 17.95 21.63
N ALA A 327 0.69 17.30 22.70
CA ALA A 327 1.36 16.15 23.26
C ALA A 327 1.42 15.00 22.23
N ALA A 328 2.50 14.23 22.25
CA ALA A 328 2.66 13.07 21.36
C ALA A 328 1.51 12.06 21.59
N GLY A 329 1.11 11.40 20.53
CA GLY A 329 0.00 10.46 20.61
C GLY A 329 -1.02 10.71 19.54
N PRO A 330 -1.84 9.69 19.27
CA PRO A 330 -2.84 9.84 18.20
C PRO A 330 -3.90 10.92 18.44
N ARG A 331 -4.36 11.50 17.37
CA ARG A 331 -5.41 12.50 17.38
C ARG A 331 -6.44 11.89 16.47
N LEU A 332 -7.38 11.15 17.04
CA LEU A 332 -8.40 10.47 16.27
C LEU A 332 -9.28 11.40 15.45
N PHE A 333 -9.80 10.92 14.30
CA PHE A 333 -10.80 11.60 13.46
C PHE A 333 -12.01 11.95 14.40
N THR A 334 -12.43 13.21 14.43
CA THR A 334 -13.49 13.63 15.34
C THR A 334 -14.69 14.22 14.64
N ILE A 335 -15.89 13.72 14.95
CA ILE A 335 -17.12 14.32 14.46
C ILE A 335 -17.56 15.22 15.60
N HIS A 336 -17.64 16.54 15.37
CA HIS A 336 -18.01 17.48 16.41
C HIS A 336 -19.35 18.14 16.11
N LEU A 337 -20.42 17.73 16.81
CA LEU A 337 -21.73 18.34 16.65
C LEU A 337 -21.70 19.66 17.42
N ILE A 338 -21.78 20.78 16.71
CA ILE A 338 -21.71 22.10 17.34
C ILE A 338 -23.11 22.80 17.35
N ASP A 339 -23.21 24.00 17.97
CA ASP A 339 -24.41 24.82 17.94
C ASP A 339 -24.16 25.93 16.93
N ALA A 340 -24.67 25.80 15.70
CA ALA A 340 -24.43 26.78 14.64
C ALA A 340 -25.56 26.83 13.57
N ASN A 341 -25.53 27.86 12.69
CA ASN A 341 -26.45 28.10 11.58
C ASN A 341 -26.54 26.85 10.70
N THR A 342 -27.76 26.39 10.43
CA THR A 342 -27.97 25.19 9.61
C THR A 342 -27.69 25.44 8.10
N ASP A 343 -27.52 26.70 7.69
CA ASP A 343 -27.16 27.10 6.34
C ASP A 343 -25.62 27.07 6.13
N ASN A 344 -24.84 26.98 7.22
CA ASN A 344 -23.37 26.93 7.20
C ASN A 344 -22.87 25.56 6.71
N LEU A 345 -21.65 25.54 6.18
CA LEU A 345 -21.03 24.30 5.73
C LEU A 345 -20.26 23.63 6.90
N PRO A 346 -20.00 22.32 6.82
CA PRO A 346 -19.14 21.70 7.85
C PRO A 346 -17.73 22.31 7.75
N LYS A 347 -17.09 22.50 8.90
CA LYS A 347 -15.79 23.13 8.98
C LYS A 347 -14.75 22.11 9.35
N ALA A 348 -13.63 22.09 8.64
CA ALA A 348 -12.55 21.16 8.93
C ALA A 348 -11.45 21.82 9.75
N HIS A 349 -10.97 21.13 10.76
CA HIS A 349 -9.83 21.57 11.58
C HIS A 349 -8.78 20.51 11.37
N THR A 350 -8.06 20.64 10.25
CA THR A 350 -7.04 19.75 9.72
C THR A 350 -5.91 19.46 10.76
N CYS A 351 -5.56 20.44 11.63
CA CYS A 351 -4.53 20.21 12.66
C CYS A 351 -4.91 19.10 13.63
N PHE A 352 -6.21 18.96 13.88
CA PHE A 352 -6.75 18.05 14.89
C PHE A 352 -7.64 16.94 14.30
N ASN A 353 -7.74 16.83 12.96
CA ASN A 353 -8.57 15.83 12.28
C ASN A 353 -10.05 15.93 12.71
N ARG A 354 -10.56 17.14 12.85
CA ARG A 354 -11.92 17.35 13.30
C ARG A 354 -12.84 17.97 12.24
N ILE A 355 -14.08 17.50 12.17
CA ILE A 355 -15.08 18.09 11.30
C ILE A 355 -16.22 18.64 12.18
N ASP A 356 -16.39 19.96 12.23
CA ASP A 356 -17.45 20.59 13.01
C ASP A 356 -18.71 20.62 12.17
N ILE A 357 -19.77 19.91 12.62
CA ILE A 357 -21.01 19.81 11.87
C ILE A 357 -22.19 20.56 12.52
N PRO A 358 -22.81 21.50 11.79
CA PRO A 358 -24.01 22.19 12.34
C PRO A 358 -25.22 21.23 12.44
N PRO A 359 -26.21 21.51 13.33
CA PRO A 359 -27.32 20.55 13.48
C PRO A 359 -28.34 20.56 12.36
N TYR A 360 -28.06 19.79 11.29
CA TYR A 360 -28.92 19.67 10.12
C TYR A 360 -30.23 18.98 10.44
N GLU A 361 -31.28 19.36 9.69
CA GLU A 361 -32.66 18.90 9.86
C GLU A 361 -32.89 17.51 9.31
N SER A 362 -32.30 17.20 8.16
CA SER A 362 -32.50 15.92 7.47
C SER A 362 -31.19 15.29 6.97
N TYR A 363 -31.26 14.05 6.47
CA TYR A 363 -30.10 13.40 5.88
C TYR A 363 -29.74 14.13 4.58
N GLU A 364 -30.75 14.44 3.77
CA GLU A 364 -30.59 15.09 2.46
C GLU A 364 -29.94 16.47 2.56
N LYS A 365 -30.10 17.17 3.70
CA LYS A 365 -29.47 18.47 3.88
C LYS A 365 -28.00 18.28 4.28
N LEU A 366 -27.70 17.26 5.11
CA LEU A 366 -26.35 16.95 5.54
C LEU A 366 -25.54 16.53 4.33
N TYR A 367 -26.09 15.60 3.51
CA TYR A 367 -25.44 15.09 2.30
C TYR A 367 -25.01 16.22 1.37
N GLU A 368 -25.88 17.21 1.16
CA GLU A 368 -25.58 18.31 0.25
C GLU A 368 -24.57 19.29 0.81
N LYS A 369 -24.66 19.60 2.12
CA LYS A 369 -23.73 20.52 2.78
C LYS A 369 -22.33 19.90 2.86
N LEU A 370 -22.23 18.64 3.29
CA LEU A 370 -20.97 17.91 3.38
C LEU A 370 -20.35 17.74 1.98
N LEU A 371 -21.17 17.46 0.96
CA LEU A 371 -20.69 17.33 -0.41
C LEU A 371 -20.18 18.68 -0.93
N THR A 372 -20.83 19.79 -0.54
CA THR A 372 -20.39 21.12 -0.96
C THR A 372 -19.05 21.46 -0.29
N ALA A 373 -18.91 21.14 0.99
CA ALA A 373 -17.67 21.39 1.70
C ALA A 373 -16.50 20.60 1.10
N VAL A 374 -16.74 19.32 0.75
CA VAL A 374 -15.74 18.41 0.20
C VAL A 374 -15.38 18.73 -1.26
N GLU A 375 -16.37 18.95 -2.14
CA GLU A 375 -16.09 19.29 -3.55
C GLU A 375 -15.79 20.77 -3.74
#